data_4UU3
#
_entry.id   4UU3
#
_cell.length_a   39.426
_cell.length_b   83.833
_cell.length_c   133.278
_cell.angle_alpha   90.00
_cell.angle_beta   90.00
_cell.angle_gamma   90.00
#
_symmetry.space_group_name_H-M   'P 2 21 21'
#
loop_
_entity.id
_entity.type
_entity.pdbx_description
1 polymer 'FERULIC ACID DECARBOXYLASE'
2 water water
#
_entity_poly.entity_id   1
_entity_poly.type   'polypeptide(L)'
_entity_poly.pdbx_seq_one_letter_code
;MNTFDKHDLSGFVGKHLVYTYDNGWEYEIYVKNENTLDYRIHSGLVGNRWVKDQQAYIVRVGESIYKISWTEPTGTDVSL
IVNLGDSLFHGTIFFPRWVMNNPEKTVCFQNDHIPLMNSYRDAGPAYPTEVIDEFATITFVRDCGANNESVIACAASELP
KNFPDNLK
;
_entity_poly.pdbx_strand_id   A,B
#
# COMPACT_ATOMS: atom_id res chain seq x y z
N MET A 1 -16.67 19.01 7.20
CA MET A 1 -16.73 17.67 6.55
C MET A 1 -16.07 17.61 5.17
N ASN A 2 -15.67 16.41 4.77
N ASN A 2 -15.73 16.41 4.77
CA ASN A 2 -15.16 16.20 3.42
CA ASN A 2 -15.18 16.13 3.44
C ASN A 2 -16.21 16.59 2.41
C ASN A 2 -16.21 16.46 2.36
N THR A 3 -15.78 17.02 1.23
CA THR A 3 -16.71 17.36 0.15
C THR A 3 -17.25 16.14 -0.61
N PHE A 4 -16.73 14.96 -0.30
CA PHE A 4 -17.26 13.70 -0.81
C PHE A 4 -17.32 12.73 0.35
N ASP A 5 -18.11 11.68 0.22
CA ASP A 5 -18.18 10.62 1.22
C ASP A 5 -17.08 9.60 0.95
N LYS A 6 -16.08 9.57 1.83
CA LYS A 6 -14.93 8.69 1.65
C LYS A 6 -15.28 7.22 1.81
N HIS A 7 -16.48 6.94 2.32
CA HIS A 7 -16.96 5.56 2.48
C HIS A 7 -17.86 5.10 1.32
N ASP A 8 -18.12 5.97 0.34
CA ASP A 8 -19.00 5.63 -0.80
C ASP A 8 -18.15 5.12 -1.97
N LEU A 9 -18.27 3.82 -2.26
CA LEU A 9 -17.47 3.18 -3.30
C LEU A 9 -18.23 2.98 -4.61
N SER A 10 -19.41 3.59 -4.74
CA SER A 10 -20.26 3.33 -5.91
C SER A 10 -19.62 3.74 -7.23
N GLY A 11 -18.67 4.67 -7.20
CA GLY A 11 -17.98 5.08 -8.41
C GLY A 11 -16.85 4.15 -8.84
N PHE A 12 -16.57 3.12 -8.04
CA PHE A 12 -15.42 2.23 -8.30
C PHE A 12 -15.86 0.76 -8.38
N VAL A 13 -16.79 0.32 -7.52
CA VAL A 13 -17.31 -1.03 -7.62
C VAL A 13 -17.89 -1.23 -9.01
N GLY A 14 -17.50 -2.34 -9.63
CA GLY A 14 -17.92 -2.67 -10.99
C GLY A 14 -16.91 -2.30 -12.05
N LYS A 15 -15.92 -1.49 -11.70
CA LYS A 15 -14.93 -1.09 -12.68
C LYS A 15 -14.03 -2.25 -13.10
N HIS A 16 -13.77 -2.29 -14.40
CA HIS A 16 -12.88 -3.25 -15.04
C HIS A 16 -11.82 -2.43 -15.78
N LEU A 17 -10.55 -2.62 -15.42
CA LEU A 17 -9.45 -1.83 -15.98
C LEU A 17 -8.37 -2.74 -16.50
N VAL A 18 -7.76 -2.33 -17.61
CA VAL A 18 -6.53 -2.92 -18.12
C VAL A 18 -5.50 -1.81 -18.12
N TYR A 19 -4.28 -2.11 -17.69
CA TYR A 19 -3.26 -1.10 -17.56
C TYR A 19 -1.88 -1.72 -17.72
N THR A 20 -0.94 -0.89 -18.14
CA THR A 20 0.42 -1.32 -18.34
C THR A 20 1.35 -0.47 -17.51
N TYR A 21 2.09 -1.11 -16.60
CA TYR A 21 3.06 -0.38 -15.80
C TYR A 21 4.18 0.19 -16.67
N ASP A 22 4.90 1.15 -16.12
CA ASP A 22 5.97 1.80 -16.86
C ASP A 22 7.11 0.86 -17.20
N ASN A 23 7.19 -0.30 -16.57
CA ASN A 23 8.14 -1.34 -16.94
C ASN A 23 7.61 -2.33 -17.98
N GLY A 24 6.44 -2.02 -18.53
CA GLY A 24 5.87 -2.82 -19.60
C GLY A 24 4.98 -3.96 -19.14
N TRP A 25 4.85 -4.19 -17.83
CA TRP A 25 4.03 -5.31 -17.36
C TRP A 25 2.57 -4.96 -17.39
N GLU A 26 1.78 -5.80 -18.06
CA GLU A 26 0.35 -5.53 -18.25
C GLU A 26 -0.51 -6.35 -17.30
N TYR A 27 -1.43 -5.65 -16.64
CA TYR A 27 -2.31 -6.16 -15.61
C TYR A 27 -3.74 -5.76 -15.90
N GLU A 28 -4.66 -6.38 -15.17
CA GLU A 28 -6.07 -6.17 -15.34
C GLU A 28 -6.75 -6.44 -14.00
N ILE A 29 -7.67 -5.58 -13.60
CA ILE A 29 -8.44 -5.79 -12.38
C ILE A 29 -9.91 -5.60 -12.64
N TYR A 30 -10.72 -6.27 -11.83
CA TYR A 30 -12.16 -6.08 -11.82
C TYR A 30 -12.61 -5.96 -10.37
N VAL A 31 -13.19 -4.81 -10.04
CA VAL A 31 -13.63 -4.52 -8.67
C VAL A 31 -15.02 -5.11 -8.53
N LYS A 32 -15.07 -6.31 -7.98
CA LYS A 32 -16.26 -7.13 -8.03
C LYS A 32 -17.34 -6.69 -7.05
N ASN A 33 -16.92 -6.25 -5.86
CA ASN A 33 -17.84 -5.71 -4.86
C ASN A 33 -16.99 -4.93 -3.86
N GLU A 34 -17.60 -4.47 -2.77
CA GLU A 34 -16.94 -3.56 -1.86
C GLU A 34 -15.72 -4.11 -1.14
N ASN A 35 -15.53 -5.43 -1.18
CA ASN A 35 -14.35 -5.99 -0.54
C ASN A 35 -13.71 -7.15 -1.27
N THR A 36 -13.89 -7.17 -2.59
CA THR A 36 -13.40 -8.27 -3.39
C THR A 36 -12.98 -7.83 -4.78
N LEU A 37 -11.89 -8.39 -5.29
CA LEU A 37 -11.54 -8.19 -6.70
C LEU A 37 -11.17 -9.52 -7.34
N ASP A 38 -11.27 -9.52 -8.66
CA ASP A 38 -10.61 -10.52 -9.50
C ASP A 38 -9.48 -9.79 -10.21
N TYR A 39 -8.40 -10.50 -10.56
CA TYR A 39 -7.35 -9.85 -11.33
C TYR A 39 -6.69 -10.86 -12.27
N ARG A 40 -6.02 -10.32 -13.27
CA ARG A 40 -5.48 -11.13 -14.36
C ARG A 40 -4.21 -10.47 -14.85
N ILE A 41 -3.11 -11.21 -14.82
CA ILE A 41 -1.82 -10.65 -15.19
C ILE A 41 -1.48 -11.12 -16.60
N HIS A 42 -1.15 -10.18 -17.46
CA HIS A 42 -0.91 -10.50 -18.87
C HIS A 42 0.56 -10.72 -19.18
N SER A 43 1.44 -9.94 -18.56
CA SER A 43 2.87 -10.02 -18.88
C SER A 43 3.69 -9.59 -17.67
N GLY A 44 4.99 -9.79 -17.76
CA GLY A 44 5.94 -9.36 -16.75
C GLY A 44 6.43 -10.52 -15.90
N LEU A 45 6.85 -10.21 -14.71
CA LEU A 45 7.43 -11.19 -13.80
C LEU A 45 6.59 -12.43 -13.63
N VAL A 46 5.27 -12.21 -13.51
CA VAL A 46 4.32 -13.28 -13.24
C VAL A 46 3.21 -13.29 -14.28
N GLY A 47 3.58 -13.03 -15.53
CA GLY A 47 2.64 -13.07 -16.62
C GLY A 47 1.88 -14.39 -16.66
N ASN A 48 0.57 -14.27 -16.87
CA ASN A 48 -0.40 -15.35 -16.97
C ASN A 48 -0.98 -15.84 -15.65
N ARG A 49 -0.48 -15.35 -14.53
CA ARG A 49 -1.14 -15.60 -13.25
C ARG A 49 -2.49 -14.91 -13.20
N TRP A 50 -3.49 -15.54 -12.60
CA TRP A 50 -4.76 -14.87 -12.38
C TRP A 50 -5.45 -15.41 -11.15
N VAL A 51 -6.37 -14.60 -10.63
CA VAL A 51 -6.94 -14.81 -9.31
C VAL A 51 -8.38 -14.34 -9.30
N LYS A 52 -9.26 -15.13 -8.69
CA LYS A 52 -10.62 -14.69 -8.46
C LYS A 52 -10.89 -14.60 -6.96
N ASP A 53 -11.77 -13.68 -6.59
CA ASP A 53 -12.29 -13.59 -5.25
C ASP A 53 -11.24 -13.27 -4.20
N GLN A 54 -10.30 -12.41 -4.55
CA GLN A 54 -9.33 -11.90 -3.60
C GLN A 54 -10.00 -10.89 -2.68
N GLN A 55 -9.98 -11.14 -1.38
CA GLN A 55 -10.48 -10.19 -0.41
C GLN A 55 -9.57 -8.98 -0.40
N ALA A 56 -10.17 -7.79 -0.36
CA ALA A 56 -9.38 -6.57 -0.45
C ALA A 56 -10.01 -5.47 0.36
N TYR A 57 -9.22 -4.47 0.64
CA TYR A 57 -9.60 -3.29 1.39
C TYR A 57 -9.67 -2.16 0.41
N ILE A 58 -10.87 -1.66 0.18
CA ILE A 58 -11.15 -0.72 -0.89
C ILE A 58 -11.70 0.56 -0.28
N VAL A 59 -11.08 1.70 -0.59
CA VAL A 59 -11.45 2.97 0.00
C VAL A 59 -11.38 4.06 -1.05
N ARG A 60 -12.06 5.16 -0.76
CA ARG A 60 -12.06 6.34 -1.59
C ARG A 60 -11.20 7.43 -0.92
N VAL A 61 -10.18 7.89 -1.63
CA VAL A 61 -9.24 8.85 -1.05
C VAL A 61 -9.28 10.22 -1.72
N GLY A 62 -10.13 10.38 -2.73
CA GLY A 62 -10.35 11.64 -3.41
C GLY A 62 -11.68 11.53 -4.13
N GLU A 63 -12.16 12.64 -4.67
CA GLU A 63 -13.43 12.63 -5.36
C GLU A 63 -13.54 11.50 -6.37
N SER A 64 -12.51 11.31 -7.18
N SER A 64 -12.48 11.29 -7.15
CA SER A 64 -12.51 10.18 -8.13
CA SER A 64 -12.46 10.28 -8.19
C SER A 64 -11.17 9.49 -8.07
C SER A 64 -11.26 9.34 -8.07
N ILE A 65 -10.75 9.17 -6.86
CA ILE A 65 -9.51 8.42 -6.63
C ILE A 65 -9.77 7.37 -5.56
N TYR A 66 -9.39 6.14 -5.88
CA TYR A 66 -9.65 4.99 -5.04
C TYR A 66 -8.37 4.25 -4.76
N LYS A 67 -8.35 3.56 -3.64
CA LYS A 67 -7.23 2.76 -3.22
C LYS A 67 -7.72 1.36 -2.93
N ILE A 68 -6.93 0.37 -3.36
CA ILE A 68 -7.27 -1.03 -3.13
C ILE A 68 -6.02 -1.77 -2.70
N SER A 69 -6.13 -2.47 -1.58
CA SER A 69 -4.98 -3.16 -0.98
C SER A 69 -5.37 -4.54 -0.53
N TRP A 70 -4.41 -5.47 -0.54
CA TRP A 70 -4.68 -6.82 -0.12
C TRP A 70 -3.38 -7.55 0.17
N THR A 71 -3.53 -8.69 0.83
CA THR A 71 -2.43 -9.61 1.04
C THR A 71 -2.80 -10.98 0.48
N GLU A 72 -1.80 -11.72 0.01
CA GLU A 72 -2.02 -12.91 -0.80
C GLU A 72 -1.57 -14.18 -0.12
N PRO A 73 -2.07 -15.33 -0.60
CA PRO A 73 -1.65 -16.62 -0.03
C PRO A 73 -0.15 -16.93 -0.23
N THR A 74 0.50 -16.23 -1.15
CA THR A 74 1.93 -16.36 -1.41
C THR A 74 2.80 -15.56 -0.44
N GLY A 75 2.18 -14.66 0.31
CA GLY A 75 2.92 -13.70 1.16
C GLY A 75 3.04 -12.30 0.58
N THR A 76 2.65 -12.10 -0.67
CA THR A 76 2.72 -10.80 -1.31
C THR A 76 1.71 -9.83 -0.73
N ASP A 77 2.10 -8.57 -0.61
CA ASP A 77 1.21 -7.47 -0.24
C ASP A 77 1.11 -6.52 -1.44
N VAL A 78 -0.08 -5.95 -1.66
CA VAL A 78 -0.31 -5.05 -2.79
C VAL A 78 -1.10 -3.85 -2.34
N SER A 79 -0.74 -2.67 -2.85
CA SER A 79 -1.57 -1.49 -2.66
C SER A 79 -1.56 -0.65 -3.94
N LEU A 80 -2.75 -0.43 -4.50
CA LEU A 80 -2.94 0.27 -5.75
C LEU A 80 -3.73 1.56 -5.54
N ILE A 81 -3.42 2.54 -6.36
CA ILE A 81 -4.19 3.77 -6.51
C ILE A 81 -4.72 3.86 -7.92
N VAL A 82 -6.02 4.08 -8.02
CA VAL A 82 -6.71 4.29 -9.29
C VAL A 82 -7.35 5.67 -9.26
N ASN A 83 -6.73 6.60 -9.96
CA ASN A 83 -7.20 7.98 -10.07
C ASN A 83 -7.95 8.09 -11.38
N LEU A 84 -9.25 7.90 -11.33
CA LEU A 84 -10.05 7.86 -12.54
C LEU A 84 -10.13 9.26 -13.16
N GLY A 85 -10.20 10.30 -12.34
CA GLY A 85 -10.37 11.65 -12.85
C GLY A 85 -9.20 12.12 -13.70
N ASP A 86 -7.99 11.73 -13.30
CA ASP A 86 -6.78 12.10 -14.00
C ASP A 86 -6.22 10.99 -14.88
N SER A 87 -6.91 9.85 -14.94
N SER A 87 -6.93 9.87 -14.95
CA SER A 87 -6.42 8.67 -15.67
CA SER A 87 -6.45 8.66 -15.63
C SER A 87 -4.99 8.35 -15.24
C SER A 87 -5.01 8.35 -15.23
N LEU A 88 -4.81 8.23 -13.93
CA LEU A 88 -3.50 7.93 -13.35
C LEU A 88 -3.64 6.66 -12.51
N PHE A 89 -2.63 5.81 -12.59
CA PHE A 89 -2.62 4.55 -11.86
C PHE A 89 -1.24 4.43 -11.22
N HIS A 90 -1.20 3.99 -9.97
CA HIS A 90 0.07 3.71 -9.31
C HIS A 90 -0.05 2.45 -8.49
N GLY A 91 0.91 1.54 -8.61
CA GLY A 91 0.91 0.32 -7.83
C GLY A 91 2.18 0.14 -7.05
N THR A 92 2.03 -0.43 -5.87
CA THR A 92 3.13 -0.91 -5.06
C THR A 92 2.88 -2.37 -4.75
N ILE A 93 3.88 -3.19 -5.06
CA ILE A 93 3.81 -4.62 -4.82
C ILE A 93 5.02 -5.00 -3.97
N PHE A 94 4.75 -5.71 -2.87
CA PHE A 94 5.78 -6.14 -1.95
C PHE A 94 5.92 -7.66 -2.11
N PHE A 95 6.88 -8.10 -2.92
CA PHE A 95 7.05 -9.51 -3.19
C PHE A 95 7.97 -10.18 -2.18
N PRO A 96 7.62 -11.38 -1.69
CA PRO A 96 8.58 -12.18 -0.96
C PRO A 96 9.75 -12.58 -1.83
N ARG A 97 10.88 -12.83 -1.18
CA ARG A 97 12.08 -13.18 -1.90
C ARG A 97 11.91 -14.43 -2.75
N TRP A 98 11.18 -15.42 -2.25
CA TRP A 98 11.02 -16.68 -2.98
C TRP A 98 10.27 -16.45 -4.28
N VAL A 99 9.35 -15.48 -4.32
CA VAL A 99 8.64 -15.14 -5.55
C VAL A 99 9.59 -14.52 -6.57
N MET A 100 10.49 -13.66 -6.10
CA MET A 100 11.49 -13.11 -7.01
C MET A 100 12.40 -14.19 -7.57
N ASN A 101 12.70 -15.18 -6.74
CA ASN A 101 13.61 -16.25 -7.16
C ASN A 101 12.96 -17.23 -8.13
N ASN A 102 11.69 -17.54 -7.91
CA ASN A 102 10.99 -18.51 -8.74
C ASN A 102 9.57 -18.04 -9.02
N PRO A 103 9.44 -16.98 -9.80
CA PRO A 103 8.09 -16.40 -9.98
C PRO A 103 7.14 -17.34 -10.66
N GLU A 104 7.68 -18.23 -11.49
CA GLU A 104 6.85 -19.20 -12.20
C GLU A 104 6.04 -20.07 -11.25
N LYS A 105 6.49 -20.23 -10.01
CA LYS A 105 5.75 -21.05 -9.07
C LYS A 105 4.39 -20.44 -8.77
N THR A 106 4.24 -19.13 -9.00
CA THR A 106 2.98 -18.45 -8.71
C THR A 106 2.09 -18.32 -9.96
N VAL A 107 2.59 -18.73 -11.12
CA VAL A 107 1.90 -18.53 -12.37
C VAL A 107 0.95 -19.69 -12.61
N CYS A 108 -0.31 -19.44 -12.27
CA CYS A 108 -1.38 -20.42 -12.33
C CYS A 108 -2.70 -19.67 -12.09
N PHE A 109 -3.80 -20.38 -12.23
CA PHE A 109 -5.06 -19.92 -11.64
C PHE A 109 -4.95 -20.21 -10.15
N GLN A 110 -4.72 -19.18 -9.37
CA GLN A 110 -4.36 -19.43 -7.99
C GLN A 110 -5.43 -20.18 -7.23
N ASN A 111 -6.69 -19.98 -7.58
CA ASN A 111 -7.77 -20.59 -6.84
C ASN A 111 -7.73 -22.10 -6.85
N ASP A 112 -7.07 -22.70 -7.85
CA ASP A 112 -6.89 -24.15 -7.94
C ASP A 112 -5.74 -24.64 -7.04
N HIS A 113 -4.98 -23.73 -6.43
CA HIS A 113 -3.69 -24.07 -5.85
C HIS A 113 -3.38 -23.30 -4.57
N ILE A 114 -4.38 -22.93 -3.79
CA ILE A 114 -4.12 -22.10 -2.62
C ILE A 114 -3.24 -22.81 -1.58
N PRO A 115 -3.51 -24.08 -1.24
CA PRO A 115 -2.60 -24.76 -0.31
C PRO A 115 -1.15 -24.77 -0.80
N LEU A 116 -0.96 -24.97 -2.09
CA LEU A 116 0.38 -24.98 -2.64
C LEU A 116 1.03 -23.61 -2.47
N MET A 117 0.29 -22.55 -2.75
CA MET A 117 0.86 -21.22 -2.55
C MET A 117 1.26 -21.01 -1.09
N ASN A 118 0.40 -21.43 -0.16
CA ASN A 118 0.74 -21.33 1.24
C ASN A 118 1.99 -22.12 1.60
N SER A 119 2.15 -23.30 0.98
N SER A 119 2.14 -23.29 0.99
CA SER A 119 3.32 -24.10 1.27
CA SER A 119 3.31 -24.12 1.24
C SER A 119 4.60 -23.42 0.78
C SER A 119 4.58 -23.41 0.79
N TYR A 120 4.54 -22.80 -0.39
CA TYR A 120 5.68 -22.04 -0.87
C TYR A 120 5.95 -20.83 0.01
N ARG A 121 4.89 -20.13 0.42
CA ARG A 121 5.02 -18.99 1.31
C ARG A 121 5.74 -19.37 2.59
N ASP A 122 5.30 -20.47 3.18
CA ASP A 122 5.83 -20.90 4.46
C ASP A 122 7.26 -21.42 4.34
N ALA A 123 7.61 -22.03 3.21
CA ALA A 123 8.97 -22.51 2.99
C ALA A 123 9.92 -21.32 2.80
N GLY A 124 9.44 -20.26 2.19
CA GLY A 124 10.27 -19.09 1.98
C GLY A 124 11.40 -19.32 0.99
N PRO A 125 12.40 -18.45 1.01
CA PRO A 125 12.57 -17.35 1.98
C PRO A 125 11.57 -16.23 1.77
N ALA A 126 11.04 -15.71 2.87
CA ALA A 126 10.18 -14.55 2.80
C ALA A 126 10.97 -13.28 2.48
N TYR A 127 12.18 -13.18 3.00
CA TYR A 127 12.92 -11.92 3.01
C TYR A 127 14.26 -12.09 2.32
N PRO A 128 14.85 -11.01 1.81
CA PRO A 128 14.33 -9.64 1.82
C PRO A 128 13.17 -9.43 0.84
N THR A 129 12.23 -8.62 1.27
CA THR A 129 11.12 -8.23 0.43
C THR A 129 11.59 -7.38 -0.72
N GLU A 130 11.01 -7.58 -1.90
CA GLU A 130 11.30 -6.76 -3.07
C GLU A 130 10.12 -5.84 -3.30
N VAL A 131 10.38 -4.53 -3.37
CA VAL A 131 9.33 -3.56 -3.65
C VAL A 131 9.33 -3.17 -5.12
N ILE A 132 8.19 -3.33 -5.78
CA ILE A 132 7.99 -2.81 -7.11
C ILE A 132 7.02 -1.64 -6.94
N ASP A 133 7.42 -0.45 -7.37
CA ASP A 133 6.62 0.76 -7.18
C ASP A 133 6.63 1.50 -8.51
N GLU A 134 5.50 1.50 -9.20
CA GLU A 134 5.45 1.99 -10.57
C GLU A 134 4.10 2.64 -10.87
N PHE A 135 4.14 3.71 -11.66
CA PHE A 135 2.97 4.20 -12.35
C PHE A 135 2.60 3.26 -13.49
N ALA A 136 1.35 3.34 -13.91
CA ALA A 136 0.86 2.62 -15.09
C ALA A 136 -0.01 3.50 -15.93
N THR A 137 -0.10 3.12 -17.20
CA THR A 137 -1.00 3.73 -18.15
C THR A 137 -2.26 2.89 -18.26
N ILE A 138 -3.41 3.50 -17.98
CA ILE A 138 -4.69 2.82 -18.13
C ILE A 138 -5.07 2.82 -19.60
N THR A 139 -5.29 1.63 -20.15
CA THR A 139 -5.58 1.50 -21.57
C THR A 139 -7.03 1.10 -21.84
N PHE A 140 -7.77 0.68 -20.83
CA PHE A 140 -9.16 0.26 -21.01
C PHE A 140 -9.86 0.39 -19.67
N VAL A 141 -11.04 0.98 -19.69
CA VAL A 141 -11.90 1.04 -18.50
C VAL A 141 -13.34 0.85 -18.94
N ARG A 142 -14.08 0.02 -18.21
CA ARG A 142 -15.50 -0.14 -18.41
C ARG A 142 -16.16 -0.46 -17.08
N ASP A 143 -17.48 -0.34 -17.06
CA ASP A 143 -18.29 -0.74 -15.93
C ASP A 143 -19.03 -2.02 -16.24
N CYS A 144 -18.97 -2.97 -15.30
CA CYS A 144 -19.51 -4.30 -15.52
C CYS A 144 -20.51 -4.71 -14.46
N GLY A 145 -20.82 -3.79 -13.55
CA GLY A 145 -21.68 -4.13 -12.44
C GLY A 145 -20.94 -4.95 -11.40
N ALA A 146 -21.60 -5.19 -10.27
CA ALA A 146 -21.03 -5.95 -9.17
C ALA A 146 -21.28 -7.43 -9.38
N ASN A 147 -20.40 -8.26 -8.84
CA ASN A 147 -20.58 -9.71 -8.81
C ASN A 147 -20.80 -10.34 -10.18
N ASN A 148 -20.09 -9.83 -11.17
CA ASN A 148 -20.22 -10.33 -12.52
C ASN A 148 -19.11 -11.36 -12.76
N GLU A 149 -19.49 -12.62 -12.83
CA GLU A 149 -18.51 -13.70 -12.93
C GLU A 149 -17.99 -13.94 -14.34
N SER A 150 -18.46 -13.16 -15.31
N SER A 150 -18.44 -13.15 -15.31
CA SER A 150 -17.98 -13.30 -16.67
CA SER A 150 -17.97 -13.30 -16.68
C SER A 150 -16.80 -12.39 -17.02
C SER A 150 -16.80 -12.38 -17.03
N VAL A 151 -16.46 -11.45 -16.14
CA VAL A 151 -15.45 -10.46 -16.47
C VAL A 151 -14.06 -11.07 -16.53
N ILE A 152 -13.67 -11.82 -15.50
CA ILE A 152 -12.36 -12.45 -15.45
C ILE A 152 -12.60 -13.93 -15.18
N ALA A 153 -12.46 -14.74 -16.22
CA ALA A 153 -12.83 -16.14 -16.13
C ALA A 153 -11.94 -17.04 -17.00
N CYS A 154 -10.72 -16.60 -17.29
CA CYS A 154 -9.73 -17.45 -17.93
C CYS A 154 -8.37 -16.78 -17.80
N ALA A 155 -7.30 -17.53 -18.03
CA ALA A 155 -5.98 -16.92 -18.08
C ALA A 155 -5.86 -15.99 -19.28
N ALA A 156 -4.97 -15.02 -19.17
CA ALA A 156 -4.76 -14.07 -20.25
C ALA A 156 -4.39 -14.74 -21.58
N SER A 157 -3.63 -15.83 -21.51
CA SER A 157 -3.19 -16.54 -22.71
C SER A 157 -4.36 -17.10 -23.51
N GLU A 158 -5.53 -17.21 -22.87
CA GLU A 158 -6.71 -17.80 -23.51
C GLU A 158 -7.65 -16.75 -24.06
N LEU A 159 -7.32 -15.48 -23.91
CA LEU A 159 -8.15 -14.41 -24.43
C LEU A 159 -7.95 -14.28 -25.94
N PRO A 160 -8.95 -13.74 -26.63
CA PRO A 160 -8.80 -13.51 -28.07
C PRO A 160 -7.71 -12.48 -28.34
N LYS A 161 -7.09 -12.54 -29.50
CA LYS A 161 -5.92 -11.71 -29.78
C LYS A 161 -6.25 -10.23 -29.85
N ASN A 162 -7.52 -9.90 -30.06
CA ASN A 162 -7.94 -8.50 -30.14
C ASN A 162 -8.41 -7.94 -28.80
N PHE A 163 -8.31 -8.72 -27.74
CA PHE A 163 -8.72 -8.28 -26.39
C PHE A 163 -8.04 -6.95 -26.08
N PRO A 164 -8.79 -5.99 -25.50
CA PRO A 164 -10.19 -6.02 -25.07
C PRO A 164 -11.17 -5.46 -26.11
N ASP A 165 -10.76 -5.38 -27.38
CA ASP A 165 -11.62 -4.80 -28.40
C ASP A 165 -12.86 -5.65 -28.62
N ASN A 166 -12.75 -6.93 -28.28
CA ASN A 166 -13.89 -7.85 -28.35
C ASN A 166 -14.96 -7.51 -27.31
N LEU A 167 -14.58 -6.72 -26.31
CA LEU A 167 -15.49 -6.25 -25.29
C LEU A 167 -16.00 -4.86 -25.66
N LYS A 168 -16.36 -4.08 -24.64
CA LYS A 168 -16.79 -2.69 -24.81
C LYS A 168 -15.85 -1.79 -24.00
N THR B 3 -2.25 17.22 -15.71
CA THR B 3 -2.32 18.61 -15.28
C THR B 3 -1.28 18.90 -14.21
N PHE B 4 -0.52 17.87 -13.83
CA PHE B 4 0.57 18.02 -12.86
C PHE B 4 1.71 17.03 -13.12
N ASP B 5 2.90 17.35 -12.63
CA ASP B 5 4.07 16.48 -12.70
C ASP B 5 4.06 15.46 -11.54
N LYS B 6 3.89 14.17 -11.84
N LYS B 6 3.99 14.16 -11.87
CA LYS B 6 3.67 13.18 -10.79
CA LYS B 6 3.92 13.04 -10.90
C LYS B 6 4.96 12.77 -10.07
C LYS B 6 5.07 12.94 -9.94
N HIS B 7 6.08 13.40 -10.42
N HIS B 7 6.21 13.47 -10.36
CA HIS B 7 7.34 13.25 -9.69
CA HIS B 7 7.44 13.27 -9.63
C HIS B 7 7.87 14.54 -9.05
C HIS B 7 7.90 14.57 -9.02
N ASP B 8 7.06 15.60 -9.09
CA ASP B 8 7.37 16.85 -8.37
C ASP B 8 6.80 16.69 -6.98
N LEU B 9 7.69 16.49 -6.02
CA LEU B 9 7.33 16.26 -4.64
C LEU B 9 7.50 17.50 -3.79
N SER B 10 7.69 18.66 -4.41
CA SER B 10 7.97 19.88 -3.64
C SER B 10 6.81 20.32 -2.74
N GLY B 11 5.60 19.87 -3.05
CA GLY B 11 4.46 20.13 -2.19
C GLY B 11 4.33 19.19 -0.99
N PHE B 12 5.24 18.22 -0.88
CA PHE B 12 5.14 17.19 0.14
C PHE B 12 6.44 17.04 0.95
N VAL B 13 7.60 17.11 0.32
CA VAL B 13 8.86 17.05 1.09
C VAL B 13 8.89 18.20 2.09
N GLY B 14 9.21 17.88 3.34
CA GLY B 14 9.23 18.82 4.42
C GLY B 14 8.00 18.73 5.30
N LYS B 15 6.93 18.09 4.82
CA LYS B 15 5.72 18.04 5.62
C LYS B 15 5.91 17.21 6.87
N HIS B 16 5.38 17.76 7.95
CA HIS B 16 5.36 17.16 9.28
C HIS B 16 3.89 17.08 9.70
N LEU B 17 3.39 15.87 9.89
CA LEU B 17 1.99 15.62 10.17
C LEU B 17 1.82 14.81 11.44
N VAL B 18 0.79 15.14 12.22
CA VAL B 18 0.33 14.31 13.31
C VAL B 18 -1.10 13.92 12.96
N TYR B 19 -1.45 12.67 13.18
CA TYR B 19 -2.73 12.15 12.77
C TYR B 19 -3.16 10.99 13.65
N THR B 20 -4.48 10.82 13.74
CA THR B 20 -5.06 9.74 14.53
C THR B 20 -5.93 8.87 13.64
N TYR B 21 -5.57 7.61 13.55
CA TYR B 21 -6.34 6.65 12.77
C TYR B 21 -7.70 6.46 13.41
N ASP B 22 -8.63 5.95 12.61
CA ASP B 22 -9.98 5.66 13.08
C ASP B 22 -10.00 4.53 14.08
N ASN B 23 -8.94 3.77 14.25
CA ASN B 23 -8.85 2.79 15.32
C ASN B 23 -8.27 3.37 16.60
N GLY B 24 -8.08 4.68 16.63
CA GLY B 24 -7.61 5.38 17.80
C GLY B 24 -6.12 5.55 17.92
N TRP B 25 -5.34 4.95 17.03
CA TRP B 25 -3.88 5.01 17.17
C TRP B 25 -3.34 6.32 16.62
N GLU B 26 -2.48 6.99 17.39
CA GLU B 26 -1.93 8.29 16.98
C GLU B 26 -0.49 8.15 16.50
N TYR B 27 -0.23 8.71 15.32
CA TYR B 27 1.03 8.62 14.59
C TYR B 27 1.49 10.00 14.17
N GLU B 28 2.73 10.05 13.74
CA GLU B 28 3.35 11.28 13.28
C GLU B 28 4.40 10.91 12.23
N ILE B 29 4.45 11.67 11.16
CA ILE B 29 5.42 11.46 10.11
C ILE B 29 6.08 12.76 9.73
N TYR B 30 7.32 12.65 9.23
CA TYR B 30 8.05 13.79 8.72
C TYR B 30 8.71 13.35 7.43
N VAL B 31 8.33 13.99 6.33
CA VAL B 31 8.83 13.64 5.01
C VAL B 31 10.14 14.39 4.81
N LYS B 32 11.24 13.69 5.05
CA LYS B 32 12.54 14.30 5.23
C LYS B 32 13.23 14.68 3.91
N ASN B 33 13.01 13.87 2.89
CA ASN B 33 13.51 14.17 1.55
C ASN B 33 12.74 13.27 0.57
N GLU B 34 13.15 13.26 -0.69
CA GLU B 34 12.37 12.60 -1.72
C GLU B 34 12.29 11.10 -1.56
N ASN B 35 13.13 10.51 -0.70
CA ASN B 35 13.05 9.06 -0.50
C ASN B 35 13.25 8.62 0.93
N THR B 36 12.93 9.49 1.89
CA THR B 36 13.19 9.18 3.29
C THR B 36 12.16 9.83 4.19
N LEU B 37 11.76 9.12 5.24
CA LEU B 37 10.94 9.72 6.28
C LEU B 37 11.46 9.34 7.65
N ASP B 38 11.09 10.17 8.62
CA ASP B 38 11.16 9.79 10.02
C ASP B 38 9.71 9.61 10.50
N TYR B 39 9.48 8.75 11.49
CA TYR B 39 8.14 8.64 12.04
C TYR B 39 8.19 8.33 13.53
N ARG B 40 7.07 8.61 14.17
CA ARG B 40 7.00 8.52 15.61
C ARG B 40 5.59 8.12 16.00
N ILE B 41 5.46 7.03 16.74
CA ILE B 41 4.16 6.47 17.09
C ILE B 41 3.84 6.88 18.52
N HIS B 42 2.67 7.47 18.73
CA HIS B 42 2.30 7.99 20.03
C HIS B 42 1.47 7.01 20.83
N SER B 43 0.58 6.29 20.19
CA SER B 43 -0.32 5.40 20.92
C SER B 43 -0.72 4.23 20.06
N GLY B 44 -1.43 3.29 20.67
CA GLY B 44 -1.99 2.17 19.97
C GLY B 44 -1.17 0.91 20.12
N LEU B 45 -1.28 0.05 19.13
CA LEU B 45 -0.68 -1.27 19.19
C LEU B 45 0.80 -1.21 19.50
N VAL B 46 1.49 -0.27 18.86
CA VAL B 46 2.95 -0.14 18.96
C VAL B 46 3.32 1.28 19.40
N GLY B 47 2.52 1.82 20.31
CA GLY B 47 2.77 3.11 20.90
C GLY B 47 4.19 3.23 21.43
N ASN B 48 4.80 4.37 21.13
CA ASN B 48 6.14 4.75 21.55
C ASN B 48 7.28 4.27 20.69
N ARG B 49 7.02 3.41 19.70
CA ARG B 49 8.01 3.08 18.69
C ARG B 49 8.33 4.31 17.86
N TRP B 50 9.59 4.49 17.46
CA TRP B 50 9.94 5.55 16.54
C TRP B 50 11.16 5.16 15.70
N VAL B 51 11.29 5.82 14.56
CA VAL B 51 12.18 5.41 13.48
C VAL B 51 12.70 6.67 12.79
N LYS B 52 14.00 6.70 12.52
CA LYS B 52 14.58 7.73 11.68
C LYS B 52 15.15 7.14 10.42
N ASP B 53 15.10 7.91 9.34
CA ASP B 53 15.80 7.59 8.11
C ASP B 53 15.29 6.31 7.44
N GLN B 54 13.98 6.12 7.48
CA GLN B 54 13.37 5.02 6.76
C GLN B 54 13.31 5.36 5.28
N GLN B 55 13.94 4.52 4.45
N GLN B 55 13.94 4.51 4.45
CA GLN B 55 13.86 4.71 3.00
CA GLN B 55 13.87 4.67 3.01
C GLN B 55 12.46 4.38 2.54
C GLN B 55 12.44 4.38 2.56
N ALA B 56 11.95 5.18 1.62
CA ALA B 56 10.57 5.03 1.18
C ALA B 56 10.43 5.42 -0.27
N TYR B 57 9.34 4.96 -0.85
CA TYR B 57 8.94 5.25 -2.20
C TYR B 57 7.83 6.28 -2.14
N ILE B 58 8.12 7.49 -2.61
CA ILE B 58 7.22 8.62 -2.46
C ILE B 58 6.84 9.11 -3.85
N VAL B 59 5.53 9.20 -4.13
CA VAL B 59 5.06 9.62 -5.42
C VAL B 59 3.86 10.55 -5.24
N ARG B 60 3.54 11.27 -6.30
CA ARG B 60 2.39 12.15 -6.37
C ARG B 60 1.32 11.53 -7.24
N VAL B 61 0.13 11.33 -6.67
CA VAL B 61 -0.95 10.63 -7.37
C VAL B 61 -2.15 11.52 -7.66
N GLY B 62 -2.09 12.78 -7.26
CA GLY B 62 -3.10 13.77 -7.56
C GLY B 62 -2.48 15.14 -7.35
N GLU B 63 -3.20 16.19 -7.73
CA GLU B 63 -2.64 17.53 -7.61
C GLU B 63 -2.06 17.80 -6.22
N SER B 64 -2.78 17.41 -5.17
CA SER B 64 -2.29 17.58 -3.82
C SER B 64 -2.43 16.31 -3.00
N ILE B 65 -2.17 15.18 -3.65
CA ILE B 65 -2.29 13.88 -3.01
C ILE B 65 -1.01 13.09 -3.27
N TYR B 66 -0.44 12.56 -2.20
CA TYR B 66 0.84 11.88 -2.24
C TYR B 66 0.71 10.51 -1.62
N LYS B 67 1.55 9.59 -2.10
CA LYS B 67 1.61 8.23 -1.61
C LYS B 67 3.03 7.95 -1.13
N ILE B 68 3.15 7.25 -0.02
N ILE B 68 3.13 7.30 0.03
CA ILE B 68 4.45 6.92 0.53
CA ILE B 68 4.38 6.88 0.62
C ILE B 68 4.41 5.48 1.08
C ILE B 68 4.29 5.40 0.93
N SER B 69 5.31 4.64 0.58
CA SER B 69 5.32 3.23 0.89
C SER B 69 6.71 2.77 1.27
N TRP B 70 6.78 1.75 2.13
CA TRP B 70 8.09 1.26 2.56
C TRP B 70 7.97 -0.11 3.17
N THR B 71 9.13 -0.76 3.31
CA THR B 71 9.24 -2.02 4.00
C THR B 71 10.19 -1.86 5.17
N GLU B 72 9.95 -2.58 6.26
CA GLU B 72 10.64 -2.39 7.52
C GLU B 72 11.50 -3.57 7.90
N PRO B 73 12.48 -3.37 8.79
CA PRO B 73 13.35 -4.47 9.24
C PRO B 73 12.62 -5.56 10.03
N THR B 74 11.41 -5.27 10.48
CA THR B 74 10.55 -6.22 11.17
C THR B 74 9.77 -7.15 10.22
N GLY B 75 9.77 -6.81 8.93
CA GLY B 75 8.92 -7.51 7.95
C GLY B 75 7.65 -6.77 7.59
N THR B 76 7.33 -5.71 8.31
CA THR B 76 6.11 -4.93 8.03
C THR B 76 6.26 -4.17 6.72
N ASP B 77 5.15 -4.10 5.97
CA ASP B 77 5.02 -3.24 4.79
C ASP B 77 3.99 -2.17 5.11
N VAL B 78 4.20 -0.96 4.57
CA VAL B 78 3.30 0.17 4.81
C VAL B 78 3.04 0.90 3.51
N SER B 79 1.80 1.35 3.32
CA SER B 79 1.50 2.26 2.23
C SER B 79 0.46 3.28 2.70
N LEU B 80 0.83 4.55 2.60
CA LEU B 80 0.03 5.68 3.07
C LEU B 80 -0.39 6.57 1.92
N ILE B 81 -1.56 7.19 2.05
CA ILE B 81 -2.02 8.27 1.20
C ILE B 81 -2.23 9.50 2.07
N VAL B 82 -1.65 10.61 1.63
CA VAL B 82 -1.82 11.91 2.26
C VAL B 82 -2.44 12.84 1.24
N ASN B 83 -3.72 13.13 1.42
CA ASN B 83 -4.45 14.04 0.56
C ASN B 83 -4.49 15.39 1.26
N LEU B 84 -3.57 16.26 0.91
CA LEU B 84 -3.45 17.52 1.59
C LEU B 84 -4.60 18.45 1.22
N GLY B 85 -5.08 18.38 -0.02
CA GLY B 85 -6.11 19.30 -0.46
C GLY B 85 -7.42 19.09 0.27
N ASP B 86 -7.75 17.85 0.58
CA ASP B 86 -8.98 17.51 1.29
C ASP B 86 -8.77 17.19 2.76
N SER B 87 -7.53 17.32 3.21
N SER B 87 -7.53 17.31 3.23
CA SER B 87 -7.12 16.93 4.56
CA SER B 87 -7.21 16.92 4.59
C SER B 87 -7.61 15.53 4.92
C SER B 87 -7.72 15.52 4.88
N LEU B 88 -7.31 14.57 4.05
CA LEU B 88 -7.71 13.18 4.21
C LEU B 88 -6.42 12.36 4.28
N PHE B 89 -6.42 11.36 5.13
CA PHE B 89 -5.27 10.47 5.29
C PHE B 89 -5.77 9.05 5.30
N HIS B 90 -5.06 8.13 4.64
CA HIS B 90 -5.42 6.73 4.70
C HIS B 90 -4.15 5.90 4.78
N GLY B 91 -4.11 4.96 5.69
CA GLY B 91 -2.96 4.08 5.82
C GLY B 91 -3.33 2.62 5.72
N THR B 92 -2.43 1.85 5.14
CA THR B 92 -2.48 0.40 5.14
C THR B 92 -1.16 -0.12 5.70
N ILE B 93 -1.26 -0.94 6.74
CA ILE B 93 -0.10 -1.54 7.38
C ILE B 93 -0.28 -3.04 7.31
N PHE B 94 0.74 -3.73 6.81
CA PHE B 94 0.74 -5.16 6.65
C PHE B 94 1.68 -5.74 7.71
N PHE B 95 1.15 -6.11 8.86
CA PHE B 95 1.96 -6.56 9.99
C PHE B 95 2.22 -8.06 9.91
N PRO B 96 3.45 -8.49 10.16
CA PRO B 96 3.67 -9.92 10.37
C PRO B 96 2.93 -10.40 11.60
N ARG B 97 2.64 -11.70 11.59
CA ARG B 97 1.89 -12.29 12.67
C ARG B 97 2.59 -12.13 14.01
N TRP B 98 3.92 -12.24 14.03
CA TRP B 98 4.64 -12.15 15.30
C TRP B 98 4.49 -10.77 15.93
N VAL B 99 4.34 -9.73 15.11
CA VAL B 99 4.13 -8.39 15.63
C VAL B 99 2.76 -8.31 16.29
N MET B 100 1.74 -8.89 15.66
CA MET B 100 0.41 -8.90 16.26
C MET B 100 0.44 -9.68 17.56
N ASN B 101 1.23 -10.74 17.62
CA ASN B 101 1.25 -11.58 18.81
C ASN B 101 1.94 -10.89 19.99
N ASN B 102 2.99 -10.12 19.72
CA ASN B 102 3.74 -9.45 20.78
C ASN B 102 4.27 -8.11 20.26
N PRO B 103 3.39 -7.14 20.12
CA PRO B 103 3.79 -5.90 19.47
C PRO B 103 4.84 -5.11 20.23
N GLU B 104 4.91 -5.30 21.55
CA GLU B 104 5.88 -4.62 22.37
C GLU B 104 7.31 -4.92 21.93
N LYS B 105 7.52 -6.04 21.27
N LYS B 105 7.52 -6.06 21.28
CA LYS B 105 8.84 -6.37 20.76
CA LYS B 105 8.84 -6.39 20.75
C LYS B 105 9.37 -5.32 19.79
C LYS B 105 9.37 -5.33 19.78
N THR B 106 8.46 -4.60 19.14
CA THR B 106 8.86 -3.60 18.16
C THR B 106 8.98 -2.20 18.74
N VAL B 107 8.63 -2.04 20.02
CA VAL B 107 8.56 -0.72 20.62
C VAL B 107 9.91 -0.33 21.17
N CYS B 108 10.61 0.50 20.40
CA CYS B 108 11.96 0.91 20.65
C CYS B 108 12.27 2.04 19.69
N PHE B 109 13.44 2.66 19.89
CA PHE B 109 14.05 3.48 18.85
C PHE B 109 14.69 2.49 17.89
N GLN B 110 14.05 2.23 16.76
CA GLN B 110 14.44 1.09 15.94
C GLN B 110 15.87 1.19 15.45
N ASN B 111 16.35 2.41 15.24
CA ASN B 111 17.67 2.60 14.65
C ASN B 111 18.77 1.97 15.48
N ASP B 112 18.55 1.84 16.79
CA ASP B 112 19.51 1.21 17.69
C ASP B 112 19.31 -0.30 17.83
N HIS B 113 18.36 -0.87 17.09
CA HIS B 113 17.95 -2.25 17.29
C HIS B 113 17.60 -2.96 15.99
N ILE B 114 18.26 -2.59 14.91
CA ILE B 114 17.98 -3.24 13.63
C ILE B 114 18.31 -4.75 13.67
N PRO B 115 19.47 -5.15 14.24
CA PRO B 115 19.72 -6.58 14.35
C PRO B 115 18.63 -7.31 15.13
N LEU B 116 18.16 -6.72 16.23
CA LEU B 116 17.09 -7.33 17.00
C LEU B 116 15.82 -7.47 16.14
N MET B 117 15.44 -6.41 15.45
CA MET B 117 14.23 -6.49 14.63
C MET B 117 14.36 -7.57 13.56
N ASN B 118 15.53 -7.65 12.93
CA ASN B 118 15.76 -8.68 11.92
C ASN B 118 15.69 -10.08 12.52
N SER B 119 16.20 -10.23 13.74
N SER B 119 16.20 -10.23 13.74
CA SER B 119 16.18 -11.52 14.40
CA SER B 119 16.16 -11.52 14.43
C SER B 119 14.72 -11.94 14.71
C SER B 119 14.72 -11.92 14.67
N TYR B 120 13.93 -11.00 15.20
CA TYR B 120 12.52 -11.27 15.44
C TYR B 120 11.80 -11.59 14.13
N ARG B 121 12.09 -10.83 13.10
CA ARG B 121 11.48 -11.06 11.78
C ARG B 121 11.78 -12.45 11.27
N ASP B 122 13.06 -12.84 11.33
CA ASP B 122 13.48 -14.10 10.77
C ASP B 122 12.99 -15.28 11.59
N ALA B 123 12.75 -15.10 12.89
CA ALA B 123 12.21 -16.15 13.71
C ALA B 123 10.72 -16.34 13.44
N GLY B 124 10.03 -15.25 13.13
CA GLY B 124 8.62 -15.33 12.85
C GLY B 124 7.79 -15.66 14.07
N PRO B 125 6.56 -16.10 13.85
CA PRO B 125 5.96 -16.40 12.55
C PRO B 125 5.67 -15.15 11.73
N ALA B 126 6.02 -15.21 10.44
CA ALA B 126 5.69 -14.13 9.54
C ALA B 126 4.19 -14.08 9.24
N TYR B 127 3.56 -15.24 9.16
CA TYR B 127 2.24 -15.35 8.58
C TYR B 127 1.26 -15.99 9.56
N PRO B 128 -0.05 -15.74 9.39
CA PRO B 128 -0.64 -14.89 8.34
C PRO B 128 -0.45 -13.41 8.61
N THR B 129 -0.28 -12.65 7.54
CA THR B 129 -0.17 -11.20 7.62
C THR B 129 -1.47 -10.62 8.14
N GLU B 130 -1.38 -9.59 8.98
CA GLU B 130 -2.54 -8.83 9.43
C GLU B 130 -2.57 -7.50 8.72
N VAL B 131 -3.67 -7.20 8.05
CA VAL B 131 -3.83 -5.93 7.34
C VAL B 131 -4.63 -4.95 8.19
N ILE B 132 -4.02 -3.83 8.52
CA ILE B 132 -4.68 -2.73 9.20
C ILE B 132 -4.91 -1.67 8.13
N ASP B 133 -6.15 -1.31 7.88
CA ASP B 133 -6.49 -0.40 6.80
C ASP B 133 -7.46 0.63 7.37
N GLU B 134 -7.01 1.87 7.51
CA GLU B 134 -7.80 2.87 8.24
C GLU B 134 -7.55 4.25 7.69
N PHE B 135 -8.63 5.03 7.65
CA PHE B 135 -8.54 6.45 7.52
C PHE B 135 -7.99 7.06 8.80
N ALA B 136 -7.42 8.25 8.68
CA ALA B 136 -6.99 9.01 9.83
C ALA B 136 -7.38 10.46 9.71
N THR B 137 -7.49 11.10 10.87
CA THR B 137 -7.74 12.53 10.96
C THR B 137 -6.41 13.25 11.20
N ILE B 138 -6.06 14.16 10.30
CA ILE B 138 -4.85 14.97 10.43
C ILE B 138 -5.16 16.07 11.43
N THR B 139 -4.37 16.15 12.49
CA THR B 139 -4.59 17.13 13.54
C THR B 139 -3.53 18.23 13.59
N PHE B 140 -2.44 18.08 12.85
CA PHE B 140 -1.37 19.05 12.82
C PHE B 140 -0.59 18.86 11.55
N VAL B 141 -0.27 19.97 10.89
N VAL B 141 -0.31 19.97 10.86
CA VAL B 141 0.58 19.94 9.71
CA VAL B 141 0.57 19.98 9.69
C VAL B 141 1.44 21.19 9.65
C VAL B 141 1.46 21.20 9.72
N ARG B 142 2.73 21.02 9.37
CA ARG B 142 3.62 22.14 9.16
C ARG B 142 4.68 21.74 8.14
N ASP B 143 5.44 22.73 7.68
CA ASP B 143 6.55 22.50 6.76
C ASP B 143 7.85 22.74 7.49
N CYS B 144 8.66 21.70 7.59
CA CYS B 144 9.91 21.73 8.34
C CYS B 144 11.13 21.57 7.45
N GLY B 145 10.95 21.71 6.14
CA GLY B 145 12.04 21.64 5.20
C GLY B 145 12.61 20.24 5.07
N ALA B 146 13.65 20.09 4.25
CA ALA B 146 14.28 18.80 4.04
C ALA B 146 15.44 18.59 4.98
N ASN B 147 15.64 17.33 5.36
CA ASN B 147 16.82 16.93 6.11
C ASN B 147 16.95 17.66 7.43
N ASN B 148 15.83 17.88 8.08
CA ASN B 148 15.79 18.57 9.36
C ASN B 148 15.79 17.55 10.48
N GLU B 149 16.92 17.44 11.17
CA GLU B 149 17.06 16.44 12.22
C GLU B 149 16.39 16.84 13.55
N SER B 150 15.84 18.05 13.62
CA SER B 150 15.20 18.51 14.84
C SER B 150 13.74 18.10 14.95
N VAL B 151 13.14 17.59 13.87
CA VAL B 151 11.70 17.36 13.86
C VAL B 151 11.32 16.17 14.74
N ILE B 152 11.97 15.04 14.50
CA ILE B 152 11.72 13.82 15.24
C ILE B 152 13.03 13.38 15.86
N ALA B 153 13.20 13.65 17.15
CA ALA B 153 14.48 13.47 17.78
C ALA B 153 14.39 12.78 19.15
N CYS B 154 13.21 12.28 19.50
CA CYS B 154 12.99 11.53 20.72
C CYS B 154 11.72 10.71 20.63
N ALA B 155 11.54 9.76 21.52
CA ALA B 155 10.29 9.01 21.58
C ALA B 155 9.15 9.92 21.99
N ALA B 156 7.93 9.53 21.65
CA ALA B 156 6.75 10.33 21.99
C ALA B 156 6.62 10.55 23.48
N SER B 157 7.02 9.57 24.28
CA SER B 157 6.93 9.69 25.73
C SER B 157 7.79 10.80 26.30
N GLU B 158 8.79 11.25 25.54
CA GLU B 158 9.69 12.31 25.97
C GLU B 158 9.26 13.70 25.49
N LEU B 159 8.15 13.77 24.78
CA LEU B 159 7.64 15.06 24.32
C LEU B 159 6.89 15.80 25.42
N PRO B 160 6.80 17.13 25.31
CA PRO B 160 5.99 17.95 26.21
C PRO B 160 4.55 17.46 26.24
N LYS B 161 3.89 17.64 27.35
CA LYS B 161 2.56 17.06 27.54
C LYS B 161 1.54 17.72 26.61
N ASN B 162 1.83 18.97 26.22
CA ASN B 162 0.94 19.72 25.33
C ASN B 162 1.26 19.55 23.85
N PHE B 163 2.05 18.52 23.51
CA PHE B 163 2.44 18.32 22.12
C PHE B 163 1.22 18.02 21.25
N PRO B 164 1.13 18.66 20.06
CA PRO B 164 2.08 19.57 19.41
C PRO B 164 1.74 21.06 19.60
N ASP B 165 1.01 21.42 20.66
CA ASP B 165 0.67 22.83 20.88
C ASP B 165 1.90 23.72 21.04
N ASN B 166 3.04 23.10 21.34
CA ASN B 166 4.32 23.81 21.36
C ASN B 166 4.91 23.95 19.95
#